data_1CG9
#
_entry.id   1CG9
#
_cell.length_a   45.550
_cell.length_b   181.530
_cell.length_c   141.030
_cell.angle_alpha   90.00
_cell.angle_beta   90.00
_cell.angle_gamma   90.00
#
_symmetry.space_group_name_H-M   'C 2 2 21'
#
loop_
_entity.id
_entity.type
_entity.pdbx_description
1 polymer 'PROTEIN (HLA CLASS I HISTOCOMPATIBILITY ANTIGEN, B-35 B* 3501 ALPHA CHAIN)'
2 polymer 'PROTEIN (BETA-2-MICROGLOBULIN)'
3 polymer 'PROTEIN (EBNA-6 NUCLEAR PROTEIN (EBNA-3C) (EBNA-4B))'
4 water water
#
loop_
_entity_poly.entity_id
_entity_poly.type
_entity_poly.pdbx_seq_one_letter_code
_entity_poly.pdbx_strand_id
1 'polypeptide(L)'
;GSHSMRYFYTAMFRPGRGEPRFIAVGYVDDTQFVRFDSDAASPRTEPRAPWIEQEGPEYWDRNTQIFKTNTQTYRESLRN
LRGYYNQSEAGSHIIQRMYGCDLGPDGRLLRGHDQSAYDGKDYIALNEDLSSWTAADTAAQITQRKWEAARVAEQLRAYL
EGLCVEWLRRYLENGKETLQRADPPKTHVTHHPVSDHEATLRCWALGFYPAEITLTWQRDGEDQTQDTELVETRPAGDRT
FQKWAAVVVPSGEEQRYTCHVQHEGLPKPLTLRWEPS
;
A
2 'polypeptide(L)'
;MIQRTPKIQVYSRHPAENGKSNFLNCYVSGFHPSDIEVDLLKNGERIEKVEHSDLSFSKDWSFYLLYYTEFTPTEKDEYA
CRVNHVTLSQPKIVKWDRDM
;
B
3 'polypeptide(L)' LPPLDITPY C
#
# COMPACT_ATOMS: atom_id res chain seq x y z
N GLY A 1 15.76 -0.29 -6.77
CA GLY A 1 16.66 0.23 -7.83
C GLY A 1 16.04 1.42 -8.52
N SER A 2 16.22 1.52 -9.82
CA SER A 2 15.67 2.62 -10.60
C SER A 2 14.15 2.43 -10.67
N HIS A 3 13.75 1.18 -10.90
CA HIS A 3 12.33 0.81 -10.99
C HIS A 3 12.20 -0.60 -10.45
N SER A 4 11.00 -0.96 -9.99
CA SER A 4 10.78 -2.29 -9.44
C SER A 4 9.37 -2.78 -9.75
N MET A 5 9.20 -4.09 -9.76
CA MET A 5 7.91 -4.71 -9.99
C MET A 5 7.68 -5.63 -8.80
N ARG A 6 6.48 -5.59 -8.23
CA ARG A 6 6.15 -6.42 -7.08
C ARG A 6 4.78 -7.04 -7.21
N TYR A 7 4.64 -8.24 -6.66
CA TYR A 7 3.36 -8.92 -6.64
C TYR A 7 3.12 -9.26 -5.18
N PHE A 8 1.95 -8.88 -4.70
CA PHE A 8 1.56 -9.12 -3.32
C PHE A 8 0.43 -10.14 -3.29
N TYR A 9 0.71 -11.30 -2.71
CA TYR A 9 -0.25 -12.39 -2.60
C TYR A 9 -0.79 -12.52 -1.19
N THR A 10 -2.10 -12.62 -1.07
CA THR A 10 -2.75 -12.79 0.22
C THR A 10 -3.76 -13.95 0.11
N ALA A 11 -3.44 -15.05 0.77
CA ALA A 11 -4.29 -16.24 0.77
C ALA A 11 -4.84 -16.37 2.18
N MET A 12 -6.15 -16.48 2.30
CA MET A 12 -6.76 -16.56 3.62
C MET A 12 -7.77 -17.67 3.85
N PHE A 13 -7.53 -18.44 4.92
CA PHE A 13 -8.41 -19.52 5.31
C PHE A 13 -9.43 -18.87 6.25
N ARG A 14 -10.68 -18.85 5.82
CA ARG A 14 -11.75 -18.24 6.58
C ARG A 14 -12.82 -19.27 6.94
N PRO A 15 -12.63 -19.99 8.07
CA PRO A 15 -13.59 -21.00 8.49
C PRO A 15 -14.99 -20.40 8.66
N GLY A 16 -15.95 -20.97 7.95
CA GLY A 16 -17.32 -20.48 8.04
C GLY A 16 -17.65 -19.42 7.00
N ARG A 17 -16.78 -18.44 6.84
CA ARG A 17 -17.01 -17.36 5.88
C ARG A 17 -16.95 -17.83 4.42
N GLY A 18 -16.27 -18.94 4.18
CA GLY A 18 -16.19 -19.48 2.82
C GLY A 18 -14.93 -20.30 2.59
N GLU A 19 -14.72 -20.74 1.35
CA GLU A 19 -13.53 -21.52 1.00
C GLU A 19 -12.36 -20.55 0.88
N PRO A 20 -11.11 -21.06 1.05
CA PRO A 20 -9.89 -20.24 0.97
C PRO A 20 -9.91 -19.22 -0.17
N ARG A 21 -9.69 -17.96 0.19
CA ARG A 21 -9.67 -16.87 -0.77
C ARG A 21 -8.24 -16.51 -1.13
N PHE A 22 -8.03 -16.08 -2.37
CA PHE A 22 -6.72 -15.70 -2.86
C PHE A 22 -6.81 -14.37 -3.62
N ILE A 23 -5.99 -13.41 -3.20
CA ILE A 23 -5.96 -12.09 -3.84
C ILE A 23 -4.54 -11.83 -4.29
N ALA A 24 -4.40 -11.21 -5.45
CA ALA A 24 -3.09 -10.88 -6.00
C ALA A 24 -3.15 -9.50 -6.65
N VAL A 25 -2.17 -8.66 -6.33
CA VAL A 25 -2.09 -7.32 -6.90
C VAL A 25 -0.69 -7.12 -7.46
N GLY A 26 -0.61 -6.43 -8.59
CA GLY A 26 0.68 -6.18 -9.20
C GLY A 26 1.02 -4.71 -9.18
N TYR A 27 2.29 -4.41 -8.88
CA TYR A 27 2.78 -3.04 -8.82
C TYR A 27 4.06 -2.85 -9.61
N VAL A 28 4.20 -1.64 -10.14
CA VAL A 28 5.40 -1.22 -10.85
C VAL A 28 5.64 0.05 -10.07
N ASP A 29 6.61 -0.02 -9.16
CA ASP A 29 6.93 1.10 -8.27
C ASP A 29 5.70 1.36 -7.39
N ASP A 30 5.17 2.57 -7.40
CA ASP A 30 4.00 2.87 -6.57
C ASP A 30 2.68 2.84 -7.33
N THR A 31 2.69 2.24 -8.52
CA THR A 31 1.48 2.16 -9.34
C THR A 31 1.00 0.72 -9.47
N GLN A 32 -0.27 0.50 -9.19
CA GLN A 32 -0.87 -0.84 -9.29
C GLN A 32 -1.35 -1.00 -10.73
N PHE A 33 -1.04 -2.13 -11.35
CA PHE A 33 -1.48 -2.35 -12.72
C PHE A 33 -2.41 -3.52 -12.93
N VAL A 34 -2.38 -4.51 -12.04
CA VAL A 34 -3.27 -5.67 -12.17
C VAL A 34 -3.84 -6.10 -10.82
N ARG A 35 -4.92 -6.88 -10.88
CA ARG A 35 -5.58 -7.37 -9.70
C ARG A 35 -6.37 -8.64 -10.00
N PHE A 36 -6.33 -9.59 -9.07
CA PHE A 36 -7.07 -10.84 -9.18
C PHE A 36 -7.64 -11.17 -7.82
N ASP A 37 -8.92 -11.57 -7.80
CA ASP A 37 -9.59 -11.91 -6.55
C ASP A 37 -10.48 -13.13 -6.79
N SER A 38 -10.10 -14.26 -6.18
CA SER A 38 -10.86 -15.49 -6.32
C SER A 38 -12.03 -15.46 -5.34
N ASP A 39 -12.91 -14.48 -5.52
CA ASP A 39 -14.07 -14.31 -4.66
C ASP A 39 -15.03 -13.36 -5.35
N ALA A 40 -14.53 -12.68 -6.37
CA ALA A 40 -15.35 -11.76 -7.15
C ALA A 40 -16.29 -12.59 -8.01
N ALA A 41 -17.33 -11.95 -8.54
CA ALA A 41 -18.32 -12.64 -9.39
C ALA A 41 -17.62 -13.47 -10.47
N SER A 42 -16.79 -12.82 -11.27
CA SER A 42 -16.05 -13.49 -12.32
C SER A 42 -14.57 -13.45 -11.94
N PRO A 43 -14.04 -14.54 -11.38
CA PRO A 43 -12.63 -14.58 -10.99
C PRO A 43 -11.74 -14.47 -12.22
N ARG A 44 -11.22 -13.27 -12.47
CA ARG A 44 -10.36 -13.03 -13.62
C ARG A 44 -9.41 -11.88 -13.33
N THR A 45 -8.30 -11.83 -14.08
CA THR A 45 -7.31 -10.77 -13.92
C THR A 45 -7.85 -9.48 -14.53
N GLU A 46 -7.89 -8.42 -13.75
CA GLU A 46 -8.39 -7.13 -14.21
C GLU A 46 -7.29 -6.07 -14.20
N PRO A 47 -7.36 -5.11 -15.15
CA PRO A 47 -6.38 -4.03 -15.25
C PRO A 47 -6.68 -2.91 -14.26
N ARG A 48 -5.63 -2.30 -13.72
CA ARG A 48 -5.76 -1.20 -12.76
C ARG A 48 -4.97 0.03 -13.18
N ALA A 49 -4.38 -0.03 -14.38
CA ALA A 49 -3.61 1.08 -14.92
C ALA A 49 -3.97 1.16 -16.40
N PRO A 50 -4.11 2.38 -16.94
CA PRO A 50 -4.46 2.55 -18.36
C PRO A 50 -3.50 1.89 -19.33
N TRP A 51 -2.19 2.06 -19.09
CA TRP A 51 -1.17 1.51 -19.97
C TRP A 51 -1.13 -0.02 -20.11
N ILE A 52 -1.66 -0.74 -19.13
CA ILE A 52 -1.65 -2.20 -19.21
C ILE A 52 -2.77 -2.73 -20.10
N GLU A 53 -3.81 -1.92 -20.29
CA GLU A 53 -4.96 -2.31 -21.11
C GLU A 53 -4.63 -2.56 -22.58
N GLN A 54 -3.43 -2.13 -23.00
CA GLN A 54 -3.04 -2.33 -24.39
C GLN A 54 -2.58 -3.77 -24.69
N GLU A 55 -2.47 -4.59 -23.64
CA GLU A 55 -2.05 -5.97 -23.82
C GLU A 55 -3.22 -6.79 -24.35
N GLY A 56 -2.95 -7.63 -25.34
CA GLY A 56 -3.98 -8.44 -25.95
C GLY A 56 -4.57 -9.52 -25.05
N PRO A 57 -5.68 -10.14 -25.46
CA PRO A 57 -6.39 -11.20 -24.72
C PRO A 57 -5.51 -12.35 -24.23
N GLU A 58 -4.46 -12.66 -24.98
CA GLU A 58 -3.54 -13.74 -24.64
C GLU A 58 -2.91 -13.48 -23.27
N TYR A 59 -2.46 -12.25 -23.05
CA TYR A 59 -1.84 -11.86 -21.78
C TYR A 59 -2.78 -12.11 -20.62
N TRP A 60 -4.02 -11.63 -20.73
CA TRP A 60 -5.02 -11.80 -19.68
C TRP A 60 -5.32 -13.25 -19.36
N ASP A 61 -5.57 -14.05 -20.38
CA ASP A 61 -5.85 -15.48 -20.18
C ASP A 61 -4.68 -16.13 -19.43
N ARG A 62 -3.47 -15.73 -19.79
CA ARG A 62 -2.24 -16.24 -19.18
C ARG A 62 -2.20 -15.95 -17.68
N ASN A 63 -2.44 -14.69 -17.31
CA ASN A 63 -2.44 -14.28 -15.91
C ASN A 63 -3.55 -14.99 -15.14
N THR A 64 -4.74 -15.02 -15.73
CA THR A 64 -5.89 -15.67 -15.10
C THR A 64 -5.64 -17.16 -14.84
N GLN A 65 -5.01 -17.84 -15.78
CA GLN A 65 -4.71 -19.26 -15.61
C GLN A 65 -3.79 -19.47 -14.40
N ILE A 66 -2.71 -18.71 -14.35
CA ILE A 66 -1.76 -18.80 -13.25
C ILE A 66 -2.49 -18.57 -11.92
N PHE A 67 -3.18 -17.45 -11.81
CA PHE A 67 -3.90 -17.11 -10.59
C PHE A 67 -4.95 -18.14 -10.15
N LYS A 68 -5.71 -18.69 -11.10
CA LYS A 68 -6.71 -19.71 -10.75
C LYS A 68 -6.03 -20.93 -10.16
N THR A 69 -4.91 -21.32 -10.74
CA THR A 69 -4.14 -22.45 -10.25
C THR A 69 -3.60 -22.10 -8.87
N ASN A 70 -3.09 -20.88 -8.72
CA ASN A 70 -2.55 -20.40 -7.45
C ASN A 70 -3.59 -20.52 -6.35
N THR A 71 -4.84 -20.23 -6.67
CA THR A 71 -5.93 -20.33 -5.72
C THR A 71 -5.97 -21.74 -5.11
N GLN A 72 -5.87 -22.75 -5.97
CA GLN A 72 -5.90 -24.13 -5.51
C GLN A 72 -4.63 -24.48 -4.74
N THR A 73 -3.48 -24.11 -5.29
CA THR A 73 -2.18 -24.39 -4.67
C THR A 73 -2.11 -23.82 -3.25
N TYR A 74 -2.60 -22.60 -3.07
CA TYR A 74 -2.59 -21.96 -1.78
C TYR A 74 -3.51 -22.63 -0.76
N ARG A 75 -4.61 -23.21 -1.23
CA ARG A 75 -5.53 -23.93 -0.33
C ARG A 75 -4.73 -25.04 0.33
N GLU A 76 -3.94 -25.76 -0.48
CA GLU A 76 -3.11 -26.84 0.03
C GLU A 76 -2.12 -26.27 1.03
N SER A 77 -1.44 -25.20 0.62
CA SER A 77 -0.45 -24.53 1.47
C SER A 77 -1.02 -24.21 2.85
N LEU A 78 -2.21 -23.61 2.88
CA LEU A 78 -2.85 -23.27 4.14
C LEU A 78 -3.02 -24.52 5.01
N ARG A 79 -3.56 -25.59 4.43
CA ARG A 79 -3.74 -26.84 5.16
C ARG A 79 -2.42 -27.37 5.70
N ASN A 80 -1.40 -27.38 4.85
CA ASN A 80 -0.08 -27.85 5.24
C ASN A 80 0.46 -27.12 6.46
N LEU A 81 0.39 -25.80 6.44
CA LEU A 81 0.86 -25.00 7.57
C LEU A 81 0.05 -25.31 8.83
N ARG A 82 -1.26 -25.45 8.65
CA ARG A 82 -2.18 -25.79 9.74
C ARG A 82 -1.61 -27.00 10.48
N GLY A 83 -1.31 -28.04 9.72
CA GLY A 83 -0.75 -29.26 10.28
C GLY A 83 0.62 -29.02 10.91
N TYR A 84 1.47 -28.27 10.23
CA TYR A 84 2.81 -27.96 10.72
C TYR A 84 2.75 -27.39 12.14
N TYR A 85 1.83 -26.46 12.37
CA TYR A 85 1.67 -25.84 13.67
C TYR A 85 0.62 -26.51 14.56
N ASN A 86 0.14 -27.66 14.13
CA ASN A 86 -0.86 -28.42 14.88
C ASN A 86 -2.06 -27.53 15.23
N GLN A 87 -2.60 -26.88 14.22
CA GLN A 87 -3.75 -25.99 14.39
C GLN A 87 -5.05 -26.62 13.96
N SER A 88 -6.15 -26.09 14.49
CA SER A 88 -7.48 -26.59 14.19
C SER A 88 -8.09 -25.85 13.00
N GLU A 89 -9.19 -26.40 12.48
CA GLU A 89 -9.90 -25.81 11.36
C GLU A 89 -10.89 -24.76 11.87
N ALA A 90 -10.71 -24.33 13.11
CA ALA A 90 -11.59 -23.35 13.74
C ALA A 90 -11.16 -21.90 13.60
N GLY A 91 -9.85 -21.67 13.50
CA GLY A 91 -9.36 -20.31 13.38
C GLY A 91 -8.89 -19.86 12.01
N SER A 92 -9.13 -18.59 11.71
CA SER A 92 -8.72 -17.99 10.46
C SER A 92 -7.19 -17.90 10.41
N HIS A 93 -6.63 -18.00 9.21
CA HIS A 93 -5.19 -17.91 9.02
C HIS A 93 -4.91 -17.29 7.67
N ILE A 94 -3.80 -16.56 7.57
CA ILE A 94 -3.44 -15.88 6.34
C ILE A 94 -1.98 -16.10 5.96
N ILE A 95 -1.76 -16.36 4.68
CA ILE A 95 -0.41 -16.53 4.15
C ILE A 95 -0.22 -15.33 3.24
N GLN A 96 0.93 -14.68 3.35
CA GLN A 96 1.23 -13.52 2.51
C GLN A 96 2.57 -13.78 1.84
N ARG A 97 2.68 -13.40 0.57
N ARG A 97 2.33 -13.33 0.58
CA ARG A 97 3.92 -13.60 -0.16
CA ARG A 97 3.68 -13.58 -0.01
C ARG A 97 4.19 -12.43 -1.09
C ARG A 97 4.02 -12.39 -0.91
N MET A 98 5.45 -12.00 -1.11
N MET A 98 5.29 -12.04 -0.97
CA MET A 98 5.86 -10.89 -1.97
CA MET A 98 5.74 -10.92 -1.80
C MET A 98 6.94 -11.33 -2.94
C MET A 98 7.02 -11.28 -2.52
N TYR A 99 6.67 -11.13 -4.22
N TYR A 99 7.13 -10.83 -3.77
CA TYR A 99 7.61 -11.46 -5.28
CA TYR A 99 8.31 -11.08 -4.59
C TYR A 99 8.02 -10.13 -5.88
C TYR A 99 8.38 -10.04 -5.70
N GLY A 100 9.25 -10.02 -6.37
N GLY A 100 9.54 -9.94 -6.32
CA GLY A 100 9.68 -8.76 -6.95
CA GLY A 100 9.74 -8.98 -7.39
C GLY A 100 11.09 -8.74 -7.48
C GLY A 100 11.21 -8.68 -7.59
N CYS A 101 11.34 -7.82 -8.39
CA CYS A 101 12.66 -7.66 -8.98
C CYS A 101 12.96 -6.17 -9.14
N ASP A 102 14.20 -5.80 -8.82
CA ASP A 102 14.64 -4.41 -8.92
C ASP A 102 15.51 -4.26 -10.16
N LEU A 103 15.20 -3.26 -10.97
CA LEU A 103 15.95 -3.00 -12.19
C LEU A 103 17.13 -2.11 -11.86
N GLY A 104 18.32 -2.54 -12.27
CA GLY A 104 19.51 -1.75 -12.03
C GLY A 104 19.72 -0.75 -13.16
N PRO A 105 20.74 0.12 -13.05
CA PRO A 105 21.00 1.12 -14.09
C PRO A 105 21.34 0.50 -15.45
N ASP A 106 22.02 -0.64 -15.42
CA ASP A 106 22.41 -1.34 -16.63
C ASP A 106 21.26 -2.11 -17.31
N GLY A 107 20.04 -1.94 -16.80
CA GLY A 107 18.90 -2.63 -17.37
C GLY A 107 18.78 -4.09 -16.96
N ARG A 108 19.73 -4.57 -16.18
CA ARG A 108 19.73 -5.95 -15.72
C ARG A 108 19.21 -6.01 -14.29
N LEU A 109 19.08 -7.23 -13.77
CA LEU A 109 18.60 -7.44 -12.41
C LEU A 109 19.57 -6.86 -11.38
N LEU A 110 19.03 -6.08 -10.45
CA LEU A 110 19.84 -5.48 -9.40
C LEU A 110 19.66 -6.33 -8.15
N ARG A 111 18.42 -6.72 -7.87
CA ARG A 111 18.11 -7.51 -6.70
C ARG A 111 16.75 -8.19 -6.84
N GLY A 112 16.66 -9.43 -6.35
CA GLY A 112 15.42 -10.18 -6.43
C GLY A 112 14.81 -10.39 -5.07
N HIS A 113 13.51 -10.57 -5.01
CA HIS A 113 12.81 -10.77 -3.75
C HIS A 113 11.79 -11.89 -3.78
N ASP A 114 11.58 -12.52 -2.62
CA ASP A 114 10.62 -13.59 -2.43
C ASP A 114 10.58 -13.95 -0.96
N GLN A 115 9.58 -13.42 -0.26
CA GLN A 115 9.41 -13.68 1.16
C GLN A 115 7.97 -13.96 1.50
N SER A 116 7.77 -14.92 2.39
CA SER A 116 6.44 -15.32 2.81
C SER A 116 6.26 -15.13 4.30
N ALA A 117 5.01 -14.92 4.70
CA ALA A 117 4.68 -14.73 6.10
C ALA A 117 3.38 -15.44 6.44
N TYR A 118 3.36 -16.06 7.61
CA TYR A 118 2.18 -16.75 8.08
C TYR A 118 1.65 -15.97 9.27
N ASP A 119 0.38 -15.58 9.20
CA ASP A 119 -0.27 -14.82 10.25
C ASP A 119 0.51 -13.60 10.73
N GLY A 120 0.99 -12.80 9.77
CA GLY A 120 1.72 -11.59 10.11
C GLY A 120 3.17 -11.74 10.50
N LYS A 121 3.70 -12.95 10.58
CA LYS A 121 5.10 -13.13 10.93
C LYS A 121 5.87 -13.87 9.85
N ASP A 122 7.14 -13.51 9.69
CA ASP A 122 8.02 -14.13 8.69
C ASP A 122 7.97 -15.63 8.81
N TYR A 123 7.90 -16.31 7.66
CA TYR A 123 7.86 -17.76 7.64
C TYR A 123 9.08 -18.32 6.94
N ILE A 124 9.24 -17.99 5.66
CA ILE A 124 10.35 -18.44 4.84
C ILE A 124 10.71 -17.30 3.90
N ALA A 125 11.97 -17.20 3.50
CA ALA A 125 12.40 -16.14 2.60
C ALA A 125 13.61 -16.56 1.78
N LEU A 126 13.63 -16.14 0.52
CA LEU A 126 14.73 -16.44 -0.39
C LEU A 126 15.85 -15.44 -0.09
N ASN A 127 17.08 -15.94 -0.01
CA ASN A 127 18.23 -15.09 0.27
C ASN A 127 18.71 -14.28 -0.92
N GLU A 128 19.48 -13.24 -0.63
CA GLU A 128 20.01 -12.33 -1.64
C GLU A 128 20.73 -13.05 -2.79
N ASP A 129 21.36 -14.18 -2.49
CA ASP A 129 22.08 -14.96 -3.50
C ASP A 129 21.15 -15.68 -4.49
N LEU A 130 19.85 -15.64 -4.20
CA LEU A 130 18.82 -16.26 -5.02
C LEU A 130 19.11 -17.75 -5.26
N SER A 131 19.59 -18.42 -4.22
CA SER A 131 19.90 -19.84 -4.30
C SER A 131 19.69 -20.58 -2.98
N SER A 132 19.52 -19.83 -1.90
CA SER A 132 19.30 -20.42 -0.58
C SER A 132 18.10 -19.77 0.13
N TRP A 133 17.54 -20.47 1.10
CA TRP A 133 16.40 -19.98 1.86
C TRP A 133 16.75 -19.66 3.31
N THR A 134 15.80 -19.07 4.02
CA THR A 134 15.94 -18.74 5.43
C THR A 134 14.61 -19.02 6.11
N ALA A 135 14.55 -20.13 6.83
CA ALA A 135 13.35 -20.53 7.55
C ALA A 135 13.31 -19.82 8.89
N ALA A 136 12.13 -19.30 9.25
CA ALA A 136 11.97 -18.60 10.51
C ALA A 136 11.97 -19.58 11.68
N ASP A 137 11.35 -20.73 11.48
CA ASP A 137 11.28 -21.76 12.53
C ASP A 137 11.31 -23.17 11.96
N THR A 138 11.22 -24.15 12.85
CA THR A 138 11.25 -25.56 12.46
C THR A 138 10.16 -25.96 11.45
N ALA A 139 8.98 -25.36 11.58
CA ALA A 139 7.89 -25.66 10.65
C ALA A 139 8.29 -25.21 9.24
N ALA A 140 8.90 -24.03 9.16
CA ALA A 140 9.36 -23.50 7.89
C ALA A 140 10.46 -24.36 7.31
N GLN A 141 11.19 -25.06 8.19
CA GLN A 141 12.28 -25.95 7.76
C GLN A 141 11.71 -27.04 6.86
N ILE A 142 10.51 -27.51 7.18
CA ILE A 142 9.83 -28.53 6.39
C ILE A 142 9.64 -28.02 4.97
N THR A 143 9.02 -26.85 4.87
CA THR A 143 8.79 -26.20 3.58
C THR A 143 10.11 -26.07 2.85
N GLN A 144 11.15 -25.63 3.56
CA GLN A 144 12.46 -25.47 2.96
C GLN A 144 12.93 -26.77 2.31
N ARG A 145 12.77 -27.89 3.01
CA ARG A 145 13.16 -29.19 2.46
C ARG A 145 12.40 -29.48 1.17
N LYS A 146 11.08 -29.36 1.21
CA LYS A 146 10.25 -29.59 0.02
C LYS A 146 10.76 -28.74 -1.13
N TRP A 147 10.88 -27.44 -0.88
CA TRP A 147 11.33 -26.47 -1.86
C TRP A 147 12.73 -26.74 -2.39
N GLU A 148 13.61 -27.26 -1.55
CA GLU A 148 14.97 -27.59 -1.98
C GLU A 148 14.93 -28.79 -2.91
N ALA A 149 14.13 -29.79 -2.56
CA ALA A 149 13.98 -30.99 -3.36
C ALA A 149 13.34 -30.67 -4.71
N ALA A 150 12.36 -29.76 -4.70
CA ALA A 150 11.68 -29.35 -5.91
C ALA A 150 12.45 -28.29 -6.70
N ARG A 151 13.61 -27.88 -6.18
CA ARG A 151 14.45 -26.88 -6.83
C ARG A 151 13.70 -25.57 -7.10
N VAL A 152 12.88 -25.16 -6.14
CA VAL A 152 12.08 -23.93 -6.25
C VAL A 152 12.96 -22.69 -6.37
N ALA A 153 14.07 -22.65 -5.64
CA ALA A 153 14.96 -21.50 -5.67
C ALA A 153 15.46 -21.24 -7.09
N GLU A 154 15.94 -22.30 -7.74
CA GLU A 154 16.44 -22.18 -9.11
C GLU A 154 15.34 -21.71 -10.03
N GLN A 155 14.14 -22.24 -9.85
CA GLN A 155 12.99 -21.85 -10.66
C GLN A 155 12.74 -20.35 -10.50
N LEU A 156 12.77 -19.89 -9.25
CA LEU A 156 12.55 -18.47 -8.95
C LEU A 156 13.67 -17.58 -9.45
N ARG A 157 14.92 -18.03 -9.31
CA ARG A 157 16.05 -17.25 -9.79
C ARG A 157 15.89 -16.97 -11.28
N ALA A 158 15.48 -18.00 -12.02
CA ALA A 158 15.25 -17.87 -13.45
C ALA A 158 14.21 -16.79 -13.71
N TYR A 159 13.10 -16.84 -12.97
CA TYR A 159 12.04 -15.85 -13.13
C TYR A 159 12.51 -14.43 -12.84
N LEU A 160 13.09 -14.23 -11.66
CA LEU A 160 13.57 -12.91 -11.23
C LEU A 160 14.59 -12.31 -12.18
N GLU A 161 15.57 -13.11 -12.53
CA GLU A 161 16.64 -12.68 -13.42
C GLU A 161 16.19 -12.52 -14.88
N GLY A 162 15.19 -13.31 -15.27
CA GLY A 162 14.71 -13.25 -16.64
C GLY A 162 13.34 -12.64 -16.87
N LEU A 163 12.31 -13.49 -16.82
CA LEU A 163 10.93 -13.07 -17.05
C LEU A 163 10.48 -11.79 -16.35
N CYS A 164 10.85 -11.65 -15.07
CA CYS A 164 10.49 -10.47 -14.27
C CYS A 164 11.07 -9.21 -14.87
N VAL A 165 12.39 -9.22 -15.12
CA VAL A 165 13.08 -8.07 -15.69
C VAL A 165 12.56 -7.76 -17.09
N GLU A 166 12.35 -8.80 -17.88
CA GLU A 166 11.85 -8.65 -19.25
C GLU A 166 10.51 -7.93 -19.28
N TRP A 167 9.54 -8.41 -18.51
CA TRP A 167 8.24 -7.78 -18.48
C TRP A 167 8.24 -6.42 -17.79
N LEU A 168 9.09 -6.26 -16.78
CA LEU A 168 9.18 -4.97 -16.10
C LEU A 168 9.54 -3.92 -17.15
N ARG A 169 10.51 -4.24 -17.99
CA ARG A 169 10.93 -3.32 -19.06
C ARG A 169 9.80 -3.03 -20.04
N ARG A 170 9.01 -4.05 -20.39
CA ARG A 170 7.88 -3.84 -21.30
C ARG A 170 6.88 -2.89 -20.67
N TYR A 171 6.56 -3.12 -19.40
CA TYR A 171 5.62 -2.28 -18.67
C TYR A 171 6.12 -0.84 -18.63
N LEU A 172 7.39 -0.67 -18.26
CA LEU A 172 8.00 0.67 -18.19
C LEU A 172 7.92 1.40 -19.52
N GLU A 173 8.07 0.66 -20.61
CA GLU A 173 8.00 1.23 -21.94
C GLU A 173 6.57 1.65 -22.25
N ASN A 174 5.63 0.73 -22.05
CA ASN A 174 4.21 0.99 -22.30
C ASN A 174 3.72 2.23 -21.55
N GLY A 175 4.07 2.33 -20.26
CA GLY A 175 3.65 3.46 -19.46
C GLY A 175 4.75 4.47 -19.22
N LYS A 176 5.60 4.67 -20.21
CA LYS A 176 6.73 5.60 -20.15
C LYS A 176 6.41 6.95 -19.50
N GLU A 177 5.49 7.71 -20.08
CA GLU A 177 5.13 9.04 -19.60
C GLU A 177 4.54 9.15 -18.18
N THR A 178 4.12 8.03 -17.59
CA THR A 178 3.56 8.07 -16.23
C THR A 178 4.47 7.42 -15.21
N LEU A 179 5.06 6.30 -15.59
CA LEU A 179 5.95 5.55 -14.70
C LEU A 179 7.37 6.09 -14.63
N GLN A 180 7.81 6.77 -15.69
CA GLN A 180 9.17 7.30 -15.70
C GLN A 180 9.30 8.79 -15.49
N ARG A 181 8.17 9.47 -15.31
CA ARG A 181 8.15 10.92 -15.07
C ARG A 181 7.73 11.14 -13.62
N ALA A 182 8.60 11.79 -12.84
CA ALA A 182 8.31 12.07 -11.44
C ALA A 182 7.55 13.38 -11.31
N ASP A 183 6.38 13.32 -10.66
CA ASP A 183 5.55 14.51 -10.45
C ASP A 183 5.90 15.23 -9.16
N PRO A 184 6.31 16.50 -9.26
CA PRO A 184 6.66 17.31 -8.08
C PRO A 184 5.38 17.65 -7.33
N PRO A 185 5.49 17.91 -6.01
CA PRO A 185 4.30 18.25 -5.22
C PRO A 185 3.89 19.70 -5.29
N LYS A 186 2.59 19.94 -5.15
CA LYS A 186 2.04 21.29 -5.13
C LYS A 186 2.12 21.61 -3.64
N THR A 187 2.86 22.64 -3.29
CA THR A 187 3.04 23.02 -1.89
C THR A 187 2.40 24.34 -1.48
N HIS A 188 2.02 24.42 -0.22
CA HIS A 188 1.42 25.62 0.35
C HIS A 188 1.33 25.44 1.85
N VAL A 189 1.46 26.54 2.59
CA VAL A 189 1.38 26.48 4.05
C VAL A 189 0.07 27.10 4.51
N THR A 190 -0.50 26.53 5.56
CA THR A 190 -1.75 27.02 6.13
C THR A 190 -1.52 27.37 7.58
N HIS A 191 -2.27 28.36 8.07
CA HIS A 191 -2.15 28.82 9.44
C HIS A 191 -3.44 28.51 10.19
N HIS A 192 -3.32 27.78 11.30
CA HIS A 192 -4.50 27.42 12.08
C HIS A 192 -4.29 27.79 13.55
N PRO A 193 -4.95 28.85 14.01
CA PRO A 193 -4.81 29.29 15.41
C PRO A 193 -5.48 28.31 16.38
N VAL A 194 -4.75 27.94 17.44
CA VAL A 194 -5.27 27.02 18.44
C VAL A 194 -5.67 27.79 19.70
N SER A 195 -4.95 28.88 19.98
CA SER A 195 -5.21 29.71 21.15
C SER A 195 -4.66 31.10 20.83
N ASP A 196 -4.91 32.06 21.73
CA ASP A 196 -4.41 33.42 21.53
C ASP A 196 -2.90 33.51 21.72
N HIS A 197 -2.26 32.38 22.04
CA HIS A 197 -0.82 32.36 22.26
C HIS A 197 -0.08 31.45 21.30
N GLU A 198 -0.77 30.44 20.77
CA GLU A 198 -0.15 29.50 19.84
C GLU A 198 -0.97 29.27 18.59
N ALA A 199 -0.28 28.90 17.51
CA ALA A 199 -0.91 28.63 16.23
C ALA A 199 -0.16 27.48 15.57
N THR A 200 -0.87 26.71 14.76
CA THR A 200 -0.29 25.59 14.05
C THR A 200 0.01 25.96 12.60
N LEU A 201 1.26 25.76 12.19
CA LEU A 201 1.68 26.03 10.82
C LEU A 201 1.73 24.67 10.13
N ARG A 202 0.86 24.47 9.16
CA ARG A 202 0.81 23.22 8.44
C ARG A 202 1.31 23.36 7.00
N CYS A 203 2.35 22.59 6.69
CA CYS A 203 2.96 22.59 5.36
C CYS A 203 2.42 21.40 4.57
N TRP A 204 1.80 21.67 3.42
CA TRP A 204 1.22 20.63 2.58
C TRP A 204 2.03 20.29 1.32
N ALA A 205 1.91 19.04 0.90
CA ALA A 205 2.56 18.54 -0.31
C ALA A 205 1.52 17.59 -0.92
N LEU A 206 0.89 18.02 -2.02
CA LEU A 206 -0.13 17.20 -2.67
C LEU A 206 0.19 16.90 -4.12
N GLY A 207 -0.42 15.83 -4.63
CA GLY A 207 -0.24 15.43 -6.01
C GLY A 207 1.15 15.07 -6.47
N PHE A 208 1.94 14.45 -5.61
CA PHE A 208 3.29 14.07 -5.98
C PHE A 208 3.42 12.56 -6.24
N TYR A 209 4.41 12.22 -7.06
CA TYR A 209 4.69 10.82 -7.39
C TYR A 209 6.17 10.72 -7.74
N PRO A 210 6.87 9.69 -7.23
CA PRO A 210 6.37 8.63 -6.35
C PRO A 210 6.15 9.12 -4.92
N ALA A 211 5.72 8.20 -4.05
CA ALA A 211 5.43 8.51 -2.64
C ALA A 211 6.59 9.08 -1.83
N GLU A 212 7.81 8.61 -2.08
CA GLU A 212 8.97 9.08 -1.34
C GLU A 212 9.07 10.60 -1.34
N ILE A 213 9.10 11.18 -0.14
CA ILE A 213 9.19 12.62 0.02
C ILE A 213 9.67 12.95 1.42
N THR A 214 10.22 14.14 1.60
CA THR A 214 10.71 14.56 2.91
C THR A 214 10.26 16.00 3.18
N LEU A 215 9.52 16.18 4.27
CA LEU A 215 9.03 17.49 4.68
C LEU A 215 9.70 17.83 6.01
N THR A 216 10.17 19.06 6.15
CA THR A 216 10.83 19.49 7.37
C THR A 216 10.49 20.93 7.72
N TRP A 217 10.28 21.20 9.00
CA TRP A 217 9.99 22.56 9.46
C TRP A 217 11.26 23.08 10.12
N GLN A 218 11.68 24.28 9.74
CA GLN A 218 12.88 24.88 10.30
C GLN A 218 12.59 26.23 10.96
N ARG A 219 13.27 26.48 12.07
CA ARG A 219 13.14 27.73 12.81
C ARG A 219 14.51 28.38 12.74
N ASP A 220 14.62 29.49 12.03
CA ASP A 220 15.88 30.20 11.86
C ASP A 220 17.01 29.29 11.37
N GLY A 221 16.65 28.21 10.70
CA GLY A 221 17.66 27.29 10.21
C GLY A 221 17.69 25.96 10.93
N GLU A 222 17.46 25.96 12.25
CA GLU A 222 17.49 24.73 13.02
C GLU A 222 16.27 23.85 12.73
N ASP A 223 16.52 22.58 12.45
CA ASP A 223 15.46 21.61 12.14
C ASP A 223 14.62 21.30 13.38
N GLN A 224 13.34 21.65 13.33
CA GLN A 224 12.42 21.42 14.44
C GLN A 224 11.83 20.01 14.44
N THR A 225 12.66 19.02 14.13
CA THR A 225 12.22 17.62 14.08
C THR A 225 11.45 17.19 15.34
N GLN A 226 12.02 17.50 16.50
CA GLN A 226 11.43 17.14 17.79
C GLN A 226 10.04 17.71 18.07
N ASP A 227 9.57 18.64 17.25
CA ASP A 227 8.25 19.24 17.46
C ASP A 227 7.38 19.20 16.21
N THR A 228 7.81 18.49 15.19
CA THR A 228 7.05 18.39 13.95
C THR A 228 6.11 17.19 13.96
N GLU A 229 4.82 17.45 13.76
CA GLU A 229 3.82 16.40 13.71
C GLU A 229 3.74 16.02 12.23
N LEU A 230 4.16 14.80 11.92
CA LEU A 230 4.19 14.31 10.54
C LEU A 230 3.25 13.12 10.35
N VAL A 231 2.37 13.22 9.35
CA VAL A 231 1.43 12.13 9.05
C VAL A 231 2.04 11.18 8.03
N GLU A 232 1.53 9.95 8.00
CA GLU A 232 2.01 8.94 7.05
C GLU A 232 1.56 9.34 5.65
N THR A 233 2.44 9.21 4.66
CA THR A 233 2.12 9.54 3.28
C THR A 233 0.87 8.75 2.89
N ARG A 234 -0.12 9.46 2.35
CA ARG A 234 -1.38 8.85 1.98
C ARG A 234 -1.75 9.04 0.51
N PRO A 235 -2.45 8.06 -0.08
CA PRO A 235 -2.87 8.11 -1.48
C PRO A 235 -4.03 9.07 -1.71
N ALA A 236 -3.90 9.91 -2.73
CA ALA A 236 -4.95 10.88 -3.06
C ALA A 236 -6.13 10.20 -3.75
N GLY A 237 -5.91 9.00 -4.25
CA GLY A 237 -6.97 8.27 -4.94
C GLY A 237 -6.81 8.29 -6.45
N ASP A 238 -6.07 9.26 -6.96
CA ASP A 238 -5.84 9.38 -8.39
C ASP A 238 -4.39 9.08 -8.77
N ARG A 239 -3.84 8.02 -8.18
CA ARG A 239 -2.47 7.59 -8.41
C ARG A 239 -1.35 8.57 -7.99
N THR A 240 -1.69 9.52 -7.13
CA THR A 240 -0.71 10.47 -6.63
C THR A 240 -0.79 10.43 -5.11
N PHE A 241 0.19 11.00 -4.43
CA PHE A 241 0.20 11.00 -2.98
C PHE A 241 0.22 12.40 -2.38
N GLN A 242 -0.18 12.48 -1.12
CA GLN A 242 -0.20 13.73 -0.38
C GLN A 242 0.30 13.49 1.03
N LYS A 243 0.84 14.52 1.64
CA LYS A 243 1.38 14.44 3.00
C LYS A 243 1.58 15.85 3.56
N TRP A 244 1.49 16.00 4.87
CA TRP A 244 1.69 17.30 5.50
C TRP A 244 2.47 17.21 6.80
N ALA A 245 3.06 18.35 7.18
CA ALA A 245 3.84 18.45 8.40
C ALA A 245 3.39 19.71 9.13
N ALA A 246 3.02 19.57 10.40
CA ALA A 246 2.57 20.71 11.18
C ALA A 246 3.47 20.94 12.37
N VAL A 247 3.50 22.18 12.84
CA VAL A 247 4.29 22.55 14.00
C VAL A 247 3.53 23.64 14.75
N VAL A 248 3.49 23.51 16.08
CA VAL A 248 2.80 24.49 16.90
C VAL A 248 3.81 25.55 17.29
N VAL A 249 3.53 26.80 16.93
CA VAL A 249 4.43 27.91 17.22
C VAL A 249 3.68 29.06 17.88
N PRO A 250 4.40 29.90 18.65
CA PRO A 250 3.79 31.04 19.33
C PRO A 250 3.41 32.15 18.34
N SER A 251 2.33 32.88 18.65
CA SER A 251 1.86 33.97 17.80
C SER A 251 2.99 34.98 17.55
N GLY A 252 2.99 35.59 16.37
CA GLY A 252 4.00 36.56 16.04
C GLY A 252 5.28 35.92 15.53
N GLU A 253 5.92 35.10 16.37
CA GLU A 253 7.17 34.43 16.01
C GLU A 253 7.10 33.53 14.77
N GLU A 254 5.90 33.21 14.32
CA GLU A 254 5.69 32.35 13.16
C GLU A 254 6.49 32.74 11.92
N GLN A 255 6.81 34.02 11.79
CA GLN A 255 7.57 34.52 10.64
C GLN A 255 9.01 33.97 10.60
N ARG A 256 9.42 33.25 11.65
CA ARG A 256 10.75 32.67 11.72
C ARG A 256 10.80 31.22 11.24
N TYR A 257 9.65 30.68 10.83
CA TYR A 257 9.57 29.31 10.38
C TYR A 257 9.45 29.14 8.86
N THR A 258 10.19 28.18 8.33
CA THR A 258 10.19 27.88 6.90
C THR A 258 10.05 26.37 6.70
N CYS A 259 9.34 25.98 5.65
CA CYS A 259 9.14 24.58 5.31
C CYS A 259 10.10 24.16 4.22
N HIS A 260 10.75 23.01 4.43
CA HIS A 260 11.71 22.46 3.49
C HIS A 260 11.13 21.20 2.86
N VAL A 261 10.97 21.21 1.55
CA VAL A 261 10.39 20.08 0.83
C VAL A 261 11.40 19.41 -0.10
N GLN A 262 11.53 18.09 0.01
CA GLN A 262 12.44 17.31 -0.81
C GLN A 262 11.70 16.21 -1.56
N HIS A 263 11.92 16.14 -2.87
CA HIS A 263 11.28 15.15 -3.73
C HIS A 263 12.12 15.06 -5.00
N GLU A 264 12.28 13.85 -5.53
CA GLU A 264 13.08 13.63 -6.75
C GLU A 264 12.59 14.41 -7.97
N GLY A 265 11.31 14.78 -7.96
CA GLY A 265 10.75 15.53 -9.07
C GLY A 265 11.04 17.02 -8.97
N LEU A 266 11.99 17.40 -8.11
CA LEU A 266 12.36 18.79 -7.91
C LEU A 266 13.86 18.94 -8.19
N PRO A 267 14.24 19.96 -8.97
CA PRO A 267 15.66 20.19 -9.28
C PRO A 267 16.49 20.41 -8.02
N LYS A 268 15.88 21.05 -7.03
CA LYS A 268 16.52 21.30 -5.74
C LYS A 268 15.40 21.44 -4.70
N PRO A 269 15.72 21.22 -3.42
CA PRO A 269 14.73 21.32 -2.33
C PRO A 269 14.06 22.69 -2.24
N LEU A 270 12.75 22.69 -2.03
CA LEU A 270 11.99 23.93 -1.90
C LEU A 270 12.05 24.44 -0.47
N THR A 271 11.83 25.74 -0.32
CA THR A 271 11.83 26.39 0.99
C THR A 271 10.75 27.46 0.92
N LEU A 272 9.63 27.19 1.58
CA LEU A 272 8.50 28.13 1.57
C LEU A 272 8.15 28.56 2.99
N ARG A 273 7.25 29.53 3.10
CA ARG A 273 6.81 30.04 4.40
C ARG A 273 5.33 30.38 4.30
N TRP A 274 4.74 30.75 5.42
CA TRP A 274 3.34 31.13 5.42
C TRP A 274 3.26 32.60 5.04
N GLU A 275 2.42 32.91 4.06
CA GLU A 275 2.25 34.28 3.62
C GLU A 275 0.91 34.81 4.11
N PRO A 276 0.93 35.67 5.13
CA PRO A 276 -0.31 36.24 5.68
C PRO A 276 -1.10 36.98 4.60
N SER A 277 -2.40 36.69 4.53
CA SER A 277 -3.29 37.32 3.57
C SER A 277 -4.72 37.22 4.09
N MET B 1 0.53 -15.87 15.68
CA MET B 1 -0.71 -15.05 15.62
C MET B 1 -0.39 -13.61 15.96
N ILE B 2 -0.70 -12.70 15.05
CA ILE B 2 -0.43 -11.27 15.24
C ILE B 2 -1.67 -10.44 14.91
N GLN B 3 -1.98 -9.49 15.78
CA GLN B 3 -3.10 -8.59 15.60
C GLN B 3 -2.59 -7.15 15.73
N ARG B 4 -2.97 -6.32 14.77
CA ARG B 4 -2.55 -4.91 14.78
C ARG B 4 -3.77 -4.03 14.54
N THR B 5 -3.90 -3.00 15.35
CA THR B 5 -5.02 -2.09 15.22
C THR B 5 -4.79 -1.12 14.06
N PRO B 6 -5.82 -0.87 13.26
CA PRO B 6 -5.73 0.02 12.10
C PRO B 6 -5.59 1.51 12.39
N LYS B 7 -4.75 2.17 11.58
CA LYS B 7 -4.54 3.60 11.66
C LYS B 7 -5.55 4.16 10.66
N ILE B 8 -6.17 5.29 10.99
CA ILE B 8 -7.18 5.87 10.11
C ILE B 8 -6.87 7.32 9.75
N GLN B 9 -7.15 7.67 8.49
CA GLN B 9 -6.95 9.03 8.00
C GLN B 9 -8.12 9.42 7.11
N VAL B 10 -8.86 10.45 7.50
CA VAL B 10 -9.99 10.91 6.70
C VAL B 10 -9.53 12.25 6.13
N TYR B 11 -9.55 12.36 4.81
CA TYR B 11 -9.11 13.57 4.14
C TYR B 11 -9.72 13.65 2.76
N SER B 12 -9.52 14.78 2.08
CA SER B 12 -10.05 14.96 0.75
C SER B 12 -8.91 14.90 -0.27
N ARG B 13 -9.24 14.57 -1.51
CA ARG B 13 -8.25 14.48 -2.57
C ARG B 13 -7.70 15.87 -2.92
N HIS B 14 -8.55 16.88 -2.79
CA HIS B 14 -8.16 18.26 -3.09
C HIS B 14 -8.61 19.13 -1.94
N PRO B 15 -7.97 20.29 -1.75
CA PRO B 15 -8.35 21.21 -0.66
C PRO B 15 -9.85 21.46 -0.72
N ALA B 16 -10.55 21.14 0.36
CA ALA B 16 -12.00 21.31 0.44
C ALA B 16 -12.49 22.71 0.09
N GLU B 17 -13.33 22.77 -0.94
CA GLU B 17 -13.90 24.04 -1.39
C GLU B 17 -15.42 23.90 -1.36
N ASN B 18 -16.05 24.57 -0.39
CA ASN B 18 -17.50 24.53 -0.22
C ASN B 18 -18.25 24.73 -1.54
N GLY B 19 -19.02 23.72 -1.93
CA GLY B 19 -19.80 23.82 -3.16
C GLY B 19 -19.35 23.02 -4.37
N LYS B 20 -18.05 22.70 -4.47
CA LYS B 20 -17.56 21.95 -5.61
C LYS B 20 -17.30 20.47 -5.32
N SER B 21 -17.38 19.64 -6.36
CA SER B 21 -17.16 18.21 -6.22
C SER B 21 -15.73 17.90 -5.81
N ASN B 22 -15.58 16.90 -4.96
CA ASN B 22 -14.28 16.48 -4.46
C ASN B 22 -14.44 15.01 -4.07
N PHE B 23 -13.39 14.41 -3.51
CA PHE B 23 -13.45 13.02 -3.09
C PHE B 23 -13.07 12.89 -1.63
N LEU B 24 -13.90 12.19 -0.89
CA LEU B 24 -13.66 11.96 0.53
C LEU B 24 -12.96 10.61 0.64
N ASN B 25 -11.74 10.64 1.16
CA ASN B 25 -10.94 9.41 1.30
C ASN B 25 -10.76 9.02 2.76
N CYS B 26 -10.85 7.72 3.03
CA CYS B 26 -10.61 7.19 4.36
C CYS B 26 -9.55 6.13 4.14
N TYR B 27 -8.35 6.41 4.62
CA TYR B 27 -7.21 5.52 4.47
C TYR B 27 -6.96 4.77 5.77
N VAL B 28 -7.08 3.45 5.72
CA VAL B 28 -6.84 2.59 6.88
C VAL B 28 -5.62 1.73 6.58
N SER B 29 -4.67 1.69 7.52
CA SER B 29 -3.45 0.93 7.31
C SER B 29 -2.88 0.34 8.59
N GLY B 30 -1.76 -0.37 8.45
CA GLY B 30 -1.09 -0.96 9.60
C GLY B 30 -1.90 -1.99 10.38
N PHE B 31 -2.95 -2.52 9.78
CA PHE B 31 -3.78 -3.51 10.47
C PHE B 31 -3.50 -4.96 10.08
N HIS B 32 -3.96 -5.89 10.91
CA HIS B 32 -3.80 -7.31 10.68
C HIS B 32 -4.66 -8.02 11.73
N PRO B 33 -5.45 -9.02 11.32
CA PRO B 33 -5.64 -9.57 9.97
C PRO B 33 -6.37 -8.64 9.01
N SER B 34 -6.63 -9.13 7.80
CA SER B 34 -7.29 -8.37 6.75
C SER B 34 -8.75 -8.00 6.95
N ASP B 35 -9.49 -8.80 7.71
CA ASP B 35 -10.90 -8.51 7.94
C ASP B 35 -11.10 -7.13 8.55
N ILE B 36 -11.88 -6.30 7.88
CA ILE B 36 -12.12 -4.96 8.37
C ILE B 36 -13.42 -4.44 7.73
N GLU B 37 -14.09 -3.55 8.43
CA GLU B 37 -15.33 -2.96 7.95
C GLU B 37 -15.20 -1.45 8.06
N VAL B 38 -15.35 -0.76 6.93
CA VAL B 38 -15.23 0.69 6.87
C VAL B 38 -16.47 1.32 6.24
N ASP B 39 -17.02 2.32 6.91
CA ASP B 39 -18.19 3.04 6.43
C ASP B 39 -17.91 4.53 6.41
N LEU B 40 -18.33 5.20 5.35
CA LEU B 40 -18.16 6.65 5.24
C LEU B 40 -19.50 7.22 5.67
N LEU B 41 -19.47 8.05 6.70
CA LEU B 41 -20.68 8.65 7.26
C LEU B 41 -20.86 10.13 6.93
N LYS B 42 -22.12 10.50 6.74
CA LYS B 42 -22.51 11.88 6.46
C LYS B 42 -23.62 12.18 7.46
N ASN B 43 -23.28 12.92 8.52
CA ASN B 43 -24.21 13.28 9.58
C ASN B 43 -24.66 12.03 10.32
N GLY B 44 -23.76 11.07 10.47
CA GLY B 44 -24.08 9.84 11.16
C GLY B 44 -24.70 8.82 10.22
N GLU B 45 -25.28 9.28 9.12
CA GLU B 45 -25.91 8.40 8.13
C GLU B 45 -24.82 7.73 7.30
N ARG B 46 -25.02 6.45 7.00
CA ARG B 46 -24.06 5.69 6.21
C ARG B 46 -24.24 5.97 4.72
N ILE B 47 -23.14 6.24 4.02
CA ILE B 47 -23.17 6.50 2.58
C ILE B 47 -23.08 5.17 1.84
N GLU B 48 -24.12 4.85 1.07
CA GLU B 48 -24.17 3.60 0.32
C GLU B 48 -23.23 3.49 -0.89
N LYS B 49 -22.94 4.62 -1.52
CA LYS B 49 -22.08 4.64 -2.70
C LYS B 49 -20.59 4.80 -2.37
N VAL B 50 -19.98 3.77 -1.81
CA VAL B 50 -18.57 3.82 -1.44
C VAL B 50 -17.74 2.78 -2.17
N GLU B 51 -16.64 3.23 -2.77
CA GLU B 51 -15.73 2.35 -3.50
C GLU B 51 -14.42 2.22 -2.70
N HIS B 52 -13.60 1.24 -3.05
CA HIS B 52 -12.34 1.04 -2.33
C HIS B 52 -11.30 0.32 -3.17
N SER B 53 -10.04 0.50 -2.77
CA SER B 53 -8.91 -0.13 -3.45
C SER B 53 -8.80 -1.61 -3.14
N ASP B 54 -7.89 -2.29 -3.82
CA ASP B 54 -7.68 -3.71 -3.63
C ASP B 54 -6.72 -3.97 -2.48
N LEU B 55 -7.02 -4.99 -1.69
CA LEU B 55 -6.21 -5.35 -0.53
C LEU B 55 -4.75 -5.54 -0.92
N SER B 56 -3.87 -4.81 -0.24
CA SER B 56 -2.44 -4.88 -0.47
C SER B 56 -1.78 -4.71 0.89
N PHE B 57 -0.48 -4.99 0.98
CA PHE B 57 0.23 -4.87 2.24
C PHE B 57 1.62 -4.29 2.09
N SER B 58 2.13 -3.70 3.16
CA SER B 58 3.45 -3.10 3.14
C SER B 58 4.52 -4.04 3.66
N LYS B 59 5.76 -3.57 3.63
CA LYS B 59 6.94 -4.33 4.07
C LYS B 59 6.76 -5.14 5.35
N ASP B 60 6.09 -4.57 6.35
CA ASP B 60 5.87 -5.24 7.62
C ASP B 60 4.66 -6.18 7.66
N TRP B 61 4.13 -6.51 6.49
CA TRP B 61 2.97 -7.40 6.36
C TRP B 61 1.62 -6.76 6.71
N SER B 62 1.65 -5.52 7.18
CA SER B 62 0.44 -4.80 7.54
C SER B 62 -0.36 -4.48 6.28
N PHE B 63 -1.67 -4.70 6.34
CA PHE B 63 -2.55 -4.42 5.21
C PHE B 63 -2.93 -2.95 5.18
N TYR B 64 -3.35 -2.48 4.02
CA TYR B 64 -3.81 -1.11 3.86
C TYR B 64 -4.87 -1.05 2.76
N LEU B 65 -5.85 -0.16 2.96
CA LEU B 65 -6.96 0.01 2.03
C LEU B 65 -7.38 1.48 2.00
N LEU B 66 -7.98 1.88 0.89
CA LEU B 66 -8.46 3.24 0.72
C LEU B 66 -9.92 3.17 0.31
N TYR B 67 -10.79 3.75 1.12
CA TYR B 67 -12.22 3.80 0.82
C TYR B 67 -12.47 5.24 0.41
N TYR B 68 -13.26 5.44 -0.64
CA TYR B 68 -13.54 6.78 -1.12
C TYR B 68 -14.91 6.91 -1.79
N THR B 69 -15.37 8.14 -1.91
CA THR B 69 -16.65 8.45 -2.54
C THR B 69 -16.60 9.91 -2.97
N GLU B 70 -17.29 10.24 -4.05
CA GLU B 70 -17.32 11.62 -4.51
C GLU B 70 -18.37 12.37 -3.72
N PHE B 71 -17.99 13.54 -3.22
CA PHE B 71 -18.91 14.34 -2.42
C PHE B 71 -18.74 15.82 -2.71
N THR B 72 -19.61 16.63 -2.13
CA THR B 72 -19.57 18.06 -2.29
C THR B 72 -19.51 18.63 -0.87
N PRO B 73 -18.32 19.09 -0.44
CA PRO B 73 -18.11 19.66 0.89
C PRO B 73 -18.93 20.91 1.18
N THR B 74 -19.33 21.03 2.44
CA THR B 74 -20.12 22.16 2.92
C THR B 74 -20.02 22.16 4.44
N GLU B 75 -19.56 23.28 4.99
CA GLU B 75 -19.39 23.45 6.44
C GLU B 75 -20.58 23.11 7.34
N LYS B 76 -21.71 22.71 6.76
CA LYS B 76 -22.89 22.35 7.55
C LYS B 76 -22.99 20.85 7.81
N ASP B 77 -22.42 20.04 6.92
CA ASP B 77 -22.47 18.59 7.04
C ASP B 77 -21.22 18.00 7.68
N GLU B 78 -21.41 17.07 8.61
CA GLU B 78 -20.29 16.42 9.29
C GLU B 78 -20.00 15.07 8.64
N TYR B 79 -18.81 14.93 8.07
CA TYR B 79 -18.41 13.69 7.44
C TYR B 79 -17.45 12.96 8.36
N ALA B 80 -17.53 11.62 8.39
CA ALA B 80 -16.66 10.83 9.26
C ALA B 80 -16.45 9.43 8.70
N CYS B 81 -15.48 8.72 9.26
CA CYS B 81 -15.18 7.35 8.84
C CYS B 81 -15.29 6.43 10.05
N ARG B 82 -16.06 5.36 9.90
CA ARG B 82 -16.26 4.39 10.97
C ARG B 82 -15.56 3.09 10.58
N VAL B 83 -14.66 2.63 11.43
CA VAL B 83 -13.90 1.41 11.19
C VAL B 83 -14.04 0.40 12.32
N ASN B 84 -14.33 -0.85 11.95
CA ASN B 84 -14.47 -1.92 12.94
C ASN B 84 -13.47 -3.01 12.55
N HIS B 85 -12.72 -3.49 13.54
CA HIS B 85 -11.72 -4.53 13.32
C HIS B 85 -11.74 -5.43 14.55
N VAL B 86 -11.13 -6.60 14.46
CA VAL B 86 -11.09 -7.55 15.57
C VAL B 86 -10.41 -6.94 16.81
N THR B 87 -9.52 -5.98 16.59
CA THR B 87 -8.80 -5.33 17.68
C THR B 87 -9.59 -4.17 18.33
N LEU B 88 -10.80 -3.94 17.83
CA LEU B 88 -11.63 -2.86 18.36
C LEU B 88 -12.91 -3.43 18.94
N SER B 89 -13.25 -3.03 20.16
CA SER B 89 -14.46 -3.49 20.83
C SER B 89 -15.65 -2.74 20.23
N GLN B 90 -15.47 -1.44 20.03
CA GLN B 90 -16.51 -0.60 19.45
C GLN B 90 -15.91 0.01 18.19
N PRO B 91 -16.73 0.23 17.15
CA PRO B 91 -16.21 0.82 15.92
C PRO B 91 -15.66 2.23 16.16
N LYS B 92 -14.40 2.44 15.79
CA LYS B 92 -13.75 3.74 15.97
C LYS B 92 -14.22 4.72 14.91
N ILE B 93 -14.49 5.95 15.33
CA ILE B 93 -14.95 7.00 14.42
C ILE B 93 -13.95 8.15 14.37
N VAL B 94 -13.59 8.55 13.16
CA VAL B 94 -12.68 9.67 12.94
C VAL B 94 -13.41 10.68 12.07
N LYS B 95 -13.60 11.87 12.62
CA LYS B 95 -14.30 12.96 11.92
C LYS B 95 -13.38 13.59 10.87
N TRP B 96 -13.98 14.12 9.81
CA TRP B 96 -13.23 14.78 8.75
C TRP B 96 -13.00 16.24 9.10
N ASP B 97 -11.78 16.70 8.91
CA ASP B 97 -11.42 18.08 9.17
C ASP B 97 -10.70 18.59 7.92
N ARG B 98 -11.35 19.48 7.18
CA ARG B 98 -10.78 20.01 5.95
C ARG B 98 -9.39 20.65 6.10
N ASP B 99 -8.93 20.83 7.34
CA ASP B 99 -7.62 21.41 7.60
C ASP B 99 -6.55 20.37 7.84
N MET B 100 -6.92 19.08 7.73
CA MET B 100 -6.00 17.98 7.95
C MET B 100 -6.18 16.88 6.90
N LEU C 1 4.33 -9.82 -15.20
CA LEU C 1 3.89 -11.23 -15.36
C LEU C 1 4.41 -11.98 -14.14
N PRO C 2 3.54 -12.73 -13.45
CA PRO C 2 3.94 -13.49 -12.26
C PRO C 2 4.48 -14.88 -12.54
N PRO C 3 5.18 -15.47 -11.55
CA PRO C 3 5.75 -16.82 -11.70
C PRO C 3 4.62 -17.83 -11.49
N LEU C 4 4.96 -19.11 -11.42
CA LEU C 4 3.95 -20.14 -11.24
C LEU C 4 4.22 -20.91 -9.95
N ASP C 5 3.29 -20.85 -9.01
CA ASP C 5 3.46 -21.55 -7.74
C ASP C 5 3.10 -23.01 -7.91
N ILE C 6 4.03 -23.77 -8.49
CA ILE C 6 3.82 -25.19 -8.73
C ILE C 6 3.90 -25.96 -7.41
N THR C 7 4.88 -25.61 -6.60
CA THR C 7 5.11 -26.27 -5.31
C THR C 7 4.50 -25.54 -4.11
N PRO C 8 3.60 -26.22 -3.36
CA PRO C 8 2.94 -25.64 -2.18
C PRO C 8 3.92 -25.60 -1.01
N TYR C 9 3.51 -24.95 0.08
CA TYR C 9 4.34 -24.84 1.28
C TYR C 9 4.41 -26.19 2.00
#